data_1XOD
#
_entry.id   1XOD
#
_cell.length_a   32.811
_cell.length_b   38.193
_cell.length_c   79.907
_cell.angle_alpha   90.00
_cell.angle_beta   95.68
_cell.angle_gamma   90.00
#
_symmetry.space_group_name_H-M   'P 1 21 1'
#
loop_
_entity.id
_entity.type
_entity.pdbx_description
1 polymer Spred1
2 non-polymer GLYCEROL
3 water water
#
_entity_poly.entity_id   1
_entity_poly.type   'polypeptide(L)'
_entity_poly.pdbx_seq_one_letter_code
;GSDDSYARVRAVVMTRDDSSGGWLQLGGGGLSSVTVSKTLQPGDSGGTEFLVHGERLRDKTVVLECVLRRDLVYNKVTPT
FHHWRIGDKKFGLTFQSPADARAFDRGIRRAIEDLSQG
;
_entity_poly.pdbx_strand_id   A,B
#
loop_
_chem_comp.id
_chem_comp.type
_chem_comp.name
_chem_comp.formula
GOL non-polymer GLYCEROL 'C3 H8 O3'
#
# COMPACT_ATOMS: atom_id res chain seq x y z
N SER A 5 -1.99 24.61 3.61
CA SER A 5 -1.43 23.80 2.51
C SER A 5 -0.04 23.30 2.86
N TYR A 6 0.37 22.23 2.20
CA TYR A 6 1.75 21.75 2.29
C TYR A 6 2.73 22.59 1.47
N ALA A 7 2.23 23.19 0.40
CA ALA A 7 2.98 24.10 -0.46
C ALA A 7 2.02 24.89 -1.32
N ARG A 8 2.41 26.11 -1.65
CA ARG A 8 1.72 26.91 -2.63
C ARG A 8 2.74 27.74 -3.35
N VAL A 9 2.79 27.56 -4.67
CA VAL A 9 3.71 28.30 -5.52
C VAL A 9 2.96 28.72 -6.77
N ARG A 10 3.44 29.74 -7.44
CA ARG A 10 2.94 30.11 -8.75
C ARG A 10 3.94 29.57 -9.76
N ALA A 11 3.46 28.67 -10.61
CA ALA A 11 4.32 27.94 -11.53
C ALA A 11 3.58 27.73 -12.83
N VAL A 12 4.32 27.28 -13.84
CA VAL A 12 3.72 26.99 -15.13
C VAL A 12 3.46 25.50 -15.22
N VAL A 13 2.20 25.15 -15.36
CA VAL A 13 1.83 23.75 -15.51
C VAL A 13 2.28 23.25 -16.89
N MET A 14 2.84 22.06 -16.91
CA MET A 14 3.43 21.46 -18.08
C MET A 14 2.70 20.20 -18.46
N THR A 15 2.83 19.83 -19.72
CA THR A 15 2.31 18.57 -20.17
C THR A 15 3.22 18.01 -21.26
N ARG A 16 3.22 16.71 -21.41
CA ARG A 16 3.96 16.10 -22.49
C ARG A 16 3.43 16.52 -23.86
N ASP A 17 4.31 16.61 -24.85
CA ASP A 17 3.87 16.79 -26.23
C ASP A 17 4.00 15.49 -27.01
N ASP A 18 4.05 15.58 -28.34
CA ASP A 18 4.10 14.41 -29.20
C ASP A 18 5.53 13.97 -29.55
N SER A 19 6.53 14.62 -28.94
CA SER A 19 7.92 14.16 -29.02
C SER A 19 8.15 13.00 -28.06
N SER A 20 9.33 12.40 -28.13
CA SER A 20 9.63 11.23 -27.31
C SER A 20 9.72 11.53 -25.81
N GLY A 21 10.18 12.74 -25.47
CA GLY A 21 10.36 13.09 -24.07
C GLY A 21 10.15 14.56 -23.71
N GLY A 22 9.64 15.35 -24.64
CA GLY A 22 9.54 16.78 -24.44
C GLY A 22 8.26 17.21 -23.74
N TRP A 23 8.32 18.41 -23.20
CA TRP A 23 7.22 18.98 -22.46
C TRP A 23 6.93 20.37 -23.00
N LEU A 24 5.65 20.71 -23.00
CA LEU A 24 5.18 22.04 -23.35
C LEU A 24 4.47 22.66 -22.17
N GLN A 25 4.33 23.98 -22.21
CA GLN A 25 3.49 24.64 -21.24
C GLN A 25 2.04 24.30 -21.56
N LEU A 26 1.31 23.81 -20.58
CA LEU A 26 -0.06 23.40 -20.80
C LEU A 26 -0.88 24.59 -21.25
N GLY A 27 -1.56 24.45 -22.39
CA GLY A 27 -2.43 25.50 -22.88
C GLY A 27 -1.71 26.76 -23.27
N GLY A 28 -0.41 26.69 -23.45
CA GLY A 28 0.37 27.85 -23.80
C GLY A 28 0.93 28.62 -22.63
N GLY A 29 0.75 28.13 -21.42
CA GLY A 29 1.44 28.69 -20.27
C GLY A 29 0.72 29.82 -19.58
N GLY A 30 1.52 30.73 -19.04
CA GLY A 30 1.09 31.62 -18.00
C GLY A 30 1.14 30.90 -16.68
N LEU A 31 1.13 31.68 -15.60
CA LEU A 31 1.28 31.13 -14.27
C LEU A 31 -0.03 30.63 -13.75
N SER A 32 0.07 29.59 -12.92
CA SER A 32 -1.01 29.06 -12.14
C SER A 32 -0.61 29.06 -10.68
N SER A 33 -1.58 29.27 -9.81
CA SER A 33 -1.39 29.05 -8.38
C SER A 33 -1.54 27.57 -8.13
N VAL A 34 -0.46 26.94 -7.68
CA VAL A 34 -0.44 25.50 -7.50
C VAL A 34 -0.28 25.21 -6.03
N THR A 35 -1.25 24.49 -5.48
CA THR A 35 -1.31 24.18 -4.06
C THR A 35 -1.26 22.68 -3.88
N VAL A 36 -0.51 22.23 -2.88
CA VAL A 36 -0.56 20.85 -2.42
C VAL A 36 -1.27 20.90 -1.08
N SER A 37 -2.37 20.17 -0.95
CA SER A 37 -3.18 20.28 0.25
C SER A 37 -3.73 18.95 0.67
N LYS A 38 -4.14 18.88 1.93
CA LYS A 38 -4.90 17.78 2.46
C LYS A 38 -6.32 18.29 2.64
N THR A 39 -7.28 17.57 2.07
N THR A 48 -9.83 11.38 3.81
CA THR A 48 -8.73 12.32 3.59
C THR A 48 -8.16 12.16 2.17
N GLU A 49 -8.08 13.27 1.44
CA GLU A 49 -7.50 13.29 0.10
C GLU A 49 -6.35 14.29 0.05
N PHE A 50 -5.33 13.96 -0.74
CA PHE A 50 -4.15 14.79 -0.89
C PHE A 50 -4.06 15.21 -2.34
N LEU A 51 -4.16 16.51 -2.58
CA LEU A 51 -4.40 17.05 -3.91
C LEU A 51 -3.34 18.04 -4.33
N VAL A 52 -2.93 17.94 -5.60
CA VAL A 52 -2.19 19.01 -6.26
C VAL A 52 -3.18 19.72 -7.16
N HIS A 53 -3.39 21.00 -6.93
CA HIS A 53 -4.43 21.77 -7.60
C HIS A 53 -3.75 22.99 -8.21
N GLY A 54 -3.94 23.21 -9.51
CA GLY A 54 -3.37 24.33 -10.21
C GLY A 54 -4.47 25.13 -10.86
N GLU A 55 -4.55 26.42 -10.50
CA GLU A 55 -5.55 27.34 -10.99
C GLU A 55 -4.86 28.45 -11.73
N ARG A 56 -5.16 28.61 -13.00
CA ARG A 56 -4.52 29.61 -13.82
C ARG A 56 -4.83 31.01 -13.30
N LEU A 57 -3.82 31.85 -13.17
CA LEU A 57 -4.02 33.18 -12.60
C LEU A 57 -4.94 34.05 -13.46
N ARG A 58 -4.82 33.97 -14.78
CA ARG A 58 -5.51 34.92 -15.63
C ARG A 58 -7.02 34.77 -15.65
N ASP A 59 -7.53 33.56 -15.44
CA ASP A 59 -8.95 33.32 -15.55
C ASP A 59 -9.51 32.33 -14.54
N LYS A 60 -8.66 31.91 -13.60
CA LYS A 60 -9.01 30.96 -12.56
C LYS A 60 -9.45 29.58 -13.07
N THR A 61 -9.09 29.24 -14.30
CA THR A 61 -9.36 27.91 -14.83
C THR A 61 -8.50 26.89 -14.11
N VAL A 62 -9.11 25.79 -13.67
CA VAL A 62 -8.35 24.70 -13.07
C VAL A 62 -7.70 23.88 -14.17
N VAL A 63 -6.37 23.90 -14.19
CA VAL A 63 -5.58 23.25 -15.22
C VAL A 63 -4.76 22.08 -14.71
N LEU A 64 -4.80 21.84 -13.41
CA LEU A 64 -4.09 20.73 -12.79
C LEU A 64 -4.91 20.28 -11.60
N GLU A 65 -5.24 19.00 -11.57
CA GLU A 65 -6.06 18.43 -10.53
C GLU A 65 -5.60 17.00 -10.37
N CYS A 66 -4.62 16.78 -9.50
CA CYS A 66 -3.94 15.51 -9.37
C CYS A 66 -4.07 15.01 -7.95
N VAL A 67 -4.82 13.93 -7.77
CA VAL A 67 -4.92 13.30 -6.47
C VAL A 67 -3.69 12.42 -6.28
N LEU A 68 -2.96 12.69 -5.21
CA LEU A 68 -1.71 11.98 -4.94
C LEU A 68 -1.98 10.55 -4.48
N ARG A 69 -1.07 9.67 -4.88
CA ARG A 69 -1.08 8.27 -4.51
C ARG A 69 0.31 7.89 -4.01
N ARG A 70 0.37 6.87 -3.17
CA ARG A 70 1.63 6.50 -2.50
C ARG A 70 2.73 6.06 -3.46
N ASP A 71 2.33 5.49 -4.60
CA ASP A 71 3.28 4.91 -5.55
C ASP A 71 3.78 5.89 -6.63
N LEU A 72 3.64 7.19 -6.43
CA LEU A 72 4.00 8.11 -7.50
C LEU A 72 5.50 8.10 -7.76
N VAL A 73 5.81 8.42 -8.99
CA VAL A 73 7.18 8.58 -9.42
C VAL A 73 7.36 10.08 -9.57
N TYR A 74 8.44 10.60 -9.01
CA TYR A 74 8.68 12.04 -9.00
C TYR A 74 10.09 12.28 -9.49
N ASN A 75 10.23 13.13 -10.50
CA ASN A 75 11.50 13.37 -11.18
C ASN A 75 11.86 14.84 -11.09
N LYS A 76 12.94 15.11 -10.35
CA LYS A 76 13.52 16.44 -10.30
C LYS A 76 14.48 16.56 -11.46
N VAL A 77 13.94 16.83 -12.64
CA VAL A 77 14.76 16.85 -13.84
C VAL A 77 15.80 17.96 -13.75
N THR A 78 15.36 19.14 -13.34
CA THR A 78 16.26 20.24 -13.04
C THR A 78 15.75 20.90 -11.77
N PRO A 79 16.53 21.84 -11.23
CA PRO A 79 16.09 22.56 -10.04
C PRO A 79 14.89 23.46 -10.28
N THR A 80 14.44 23.65 -11.51
CA THR A 80 13.20 24.39 -11.75
C THR A 80 12.21 23.66 -12.65
N PHE A 81 12.41 22.36 -12.87
CA PHE A 81 11.47 21.58 -13.65
C PHE A 81 11.34 20.22 -13.00
N HIS A 82 10.17 19.93 -12.46
CA HIS A 82 9.88 18.62 -11.89
C HIS A 82 8.66 18.07 -12.60
N HIS A 83 8.64 16.76 -12.79
CA HIS A 83 7.45 16.09 -13.25
C HIS A 83 7.20 14.85 -12.44
N TRP A 84 5.98 14.39 -12.45
CA TRP A 84 5.62 13.21 -11.70
C TRP A 84 4.60 12.41 -12.45
N ARG A 85 4.44 11.18 -12.01
CA ARG A 85 3.62 10.22 -12.71
C ARG A 85 2.92 9.36 -11.69
N ILE A 86 1.62 9.19 -11.92
CA ILE A 86 0.83 8.25 -11.15
C ILE A 86 0.16 7.34 -12.17
N GLY A 87 0.53 6.07 -12.14
CA GLY A 87 0.14 5.15 -13.19
C GLY A 87 0.81 5.57 -14.48
N ASP A 88 0.01 5.89 -15.50
CA ASP A 88 0.55 6.43 -16.75
C ASP A 88 0.17 7.90 -16.95
N LYS A 89 -0.39 8.53 -15.92
CA LYS A 89 -0.73 9.96 -15.96
C LYS A 89 0.43 10.83 -15.51
N LYS A 90 0.79 11.79 -16.35
CA LYS A 90 2.02 12.56 -16.19
C LYS A 90 1.74 14.04 -16.06
N PHE A 91 2.37 14.65 -15.07
CA PHE A 91 2.16 16.04 -14.70
C PHE A 91 3.50 16.71 -14.52
N GLY A 92 3.59 18.02 -14.72
CA GLY A 92 4.84 18.69 -14.45
C GLY A 92 4.66 20.16 -14.23
N LEU A 93 5.71 20.77 -13.71
CA LEU A 93 5.75 22.19 -13.43
C LEU A 93 7.09 22.77 -13.78
N THR A 94 7.07 23.95 -14.39
CA THR A 94 8.24 24.80 -14.44
C THR A 94 8.07 25.83 -13.34
N PHE A 95 9.02 25.86 -12.43
CA PHE A 95 8.97 26.75 -11.29
C PHE A 95 9.64 28.06 -11.62
N GLN A 96 9.23 29.11 -10.91
CA GLN A 96 9.81 30.43 -11.06
C GLN A 96 11.13 30.59 -10.34
N SER A 97 11.48 29.66 -9.46
CA SER A 97 12.74 29.73 -8.73
C SER A 97 13.07 28.34 -8.20
N PRO A 98 14.36 28.08 -8.01
CA PRO A 98 14.75 26.84 -7.33
C PRO A 98 14.14 26.72 -5.93
N ALA A 99 13.99 27.84 -5.22
CA ALA A 99 13.38 27.79 -3.90
C ALA A 99 11.96 27.25 -3.98
N ASP A 100 11.20 27.69 -4.95
CA ASP A 100 9.83 27.22 -5.12
C ASP A 100 9.80 25.73 -5.41
N ALA A 101 10.70 25.26 -6.26
CA ALA A 101 10.75 23.84 -6.59
C ALA A 101 11.03 23.01 -5.35
N ARG A 102 11.97 23.49 -4.53
CA ARG A 102 12.31 22.78 -3.30
C ARG A 102 11.13 22.76 -2.35
N ALA A 103 10.43 23.88 -2.23
CA ALA A 103 9.27 23.92 -1.35
C ALA A 103 8.16 22.99 -1.85
N PHE A 104 7.99 22.91 -3.16
CA PHE A 104 6.93 22.12 -3.72
C PHE A 104 7.25 20.64 -3.51
N ASP A 105 8.48 20.24 -3.81
CA ASP A 105 8.95 18.88 -3.58
C ASP A 105 8.79 18.49 -2.11
N ARG A 106 9.21 19.37 -1.20
CA ARG A 106 9.06 19.11 0.22
C ARG A 106 7.58 18.90 0.58
N GLY A 107 6.70 19.71 0.01
CA GLY A 107 5.29 19.60 0.26
C GLY A 107 4.70 18.29 -0.24
N ILE A 108 5.11 17.88 -1.44
CA ILE A 108 4.69 16.60 -1.97
C ILE A 108 5.13 15.47 -1.06
N ARG A 109 6.39 15.50 -0.66
CA ARG A 109 6.92 14.45 0.20
C ARG A 109 6.19 14.40 1.54
N ARG A 110 5.87 15.57 2.09
CA ARG A 110 5.13 15.64 3.35
C ARG A 110 3.73 15.09 3.19
N ALA A 111 3.07 15.42 2.09
CA ALA A 111 1.74 14.92 1.81
C ALA A 111 1.75 13.41 1.71
N ILE A 112 2.74 12.85 1.01
CA ILE A 112 2.86 11.41 0.87
C ILE A 112 3.13 10.75 2.23
N GLU A 113 3.92 11.39 3.07
CA GLU A 113 4.15 10.92 4.45
C GLU A 113 2.83 10.80 5.21
N ASP A 114 1.95 11.79 5.07
CA ASP A 114 0.66 11.79 5.76
C ASP A 114 -0.32 10.80 5.14
N LEU A 115 -0.30 10.68 3.81
CA LEU A 115 -1.16 9.75 3.11
C LEU A 115 -0.83 8.31 3.49
N SER A 116 0.46 8.01 3.62
CA SER A 116 0.92 6.65 3.88
C SER A 116 0.72 6.30 5.36
N GLN A 117 0.01 5.19 5.62
CA GLN A 117 -0.51 4.87 6.95
C GLN A 117 -0.17 3.53 7.59
N GLY A 118 0.57 2.67 6.91
CA GLY A 118 0.74 1.28 7.33
C GLY A 118 2.15 0.97 7.78
N GLY B 1 -6.79 -30.59 20.14
CA GLY B 1 -7.24 -29.78 18.97
C GLY B 1 -7.39 -30.61 17.71
N SER B 2 -7.35 -29.95 16.56
CA SER B 2 -7.47 -30.65 15.28
C SER B 2 -6.13 -31.29 14.96
N ASP B 3 -6.18 -32.51 14.43
CA ASP B 3 -5.04 -33.41 14.48
C ASP B 3 -3.83 -32.99 13.64
N ASP B 4 -4.04 -32.05 12.72
CA ASP B 4 -3.00 -31.61 11.78
C ASP B 4 -2.72 -30.11 11.80
N SER B 5 -3.00 -29.47 12.94
CA SER B 5 -2.71 -28.06 13.15
C SER B 5 -1.39 -27.91 13.84
N TYR B 6 -0.60 -26.98 13.34
CA TYR B 6 0.61 -26.56 14.00
C TYR B 6 0.38 -25.48 15.03
N ALA B 7 -0.70 -24.72 14.89
CA ALA B 7 -1.09 -23.69 15.84
C ALA B 7 -2.52 -23.32 15.56
N ARG B 8 -3.27 -23.05 16.62
CA ARG B 8 -4.63 -22.55 16.51
C ARG B 8 -4.80 -21.47 17.55
N VAL B 9 -5.23 -20.31 17.10
CA VAL B 9 -5.53 -19.21 17.99
C VAL B 9 -6.82 -18.56 17.55
N ARG B 10 -7.35 -17.69 18.39
CA ARG B 10 -8.43 -16.82 17.99
C ARG B 10 -7.86 -15.43 17.82
N ALA B 11 -7.97 -14.88 16.62
CA ALA B 11 -7.34 -13.62 16.25
C ALA B 11 -8.25 -12.90 15.27
N VAL B 12 -7.95 -11.65 14.99
CA VAL B 12 -8.73 -10.87 14.05
C VAL B 12 -8.01 -10.82 12.72
N VAL B 13 -8.71 -11.24 11.68
CA VAL B 13 -8.17 -11.24 10.34
C VAL B 13 -8.16 -9.81 9.81
N MET B 14 -7.05 -9.46 9.18
CA MET B 14 -6.79 -8.11 8.71
C MET B 14 -6.69 -8.10 7.20
N THR B 15 -7.02 -6.96 6.64
CA THR B 15 -6.87 -6.71 5.22
C THR B 15 -6.32 -5.30 5.05
N ARG B 16 -5.63 -5.05 3.95
CA ARG B 16 -4.92 -3.79 3.79
C ARG B 16 -5.68 -2.85 2.87
N ASP B 17 -5.80 -1.61 3.31
CA ASP B 17 -6.29 -0.52 2.48
C ASP B 17 -5.19 -0.13 1.48
N ASP B 18 -5.45 -0.33 0.19
CA ASP B 18 -4.45 -0.09 -0.84
C ASP B 18 -4.05 1.38 -0.94
N SER B 19 -5.00 2.27 -0.75
CA SER B 19 -4.77 3.71 -0.86
C SER B 19 -3.77 4.24 0.17
N SER B 20 -4.04 3.97 1.44
CA SER B 20 -3.22 4.49 2.56
C SER B 20 -2.11 3.53 2.95
N GLY B 21 -2.34 2.24 2.74
CA GLY B 21 -1.44 1.22 3.21
C GLY B 21 -1.74 0.85 4.67
N GLY B 22 -2.74 1.48 5.27
CA GLY B 22 -3.18 1.11 6.61
C GLY B 22 -4.02 -0.16 6.56
N TRP B 23 -4.05 -0.88 7.67
CA TRP B 23 -4.78 -2.13 7.74
C TRP B 23 -6.09 -1.94 8.44
N LEU B 24 -7.04 -2.76 8.04
CA LEU B 24 -8.38 -2.77 8.57
C LEU B 24 -8.70 -4.17 9.06
N GLN B 25 -9.67 -4.27 9.96
CA GLN B 25 -10.19 -5.56 10.34
C GLN B 25 -11.13 -6.02 9.25
N LEU B 26 -10.80 -7.15 8.64
CA LEU B 26 -11.59 -7.64 7.52
C LEU B 26 -13.03 -7.82 7.95
N GLY B 27 -13.96 -7.31 7.16
CA GLY B 27 -15.37 -7.50 7.47
C GLY B 27 -15.78 -6.86 8.78
N GLY B 28 -15.06 -5.86 9.24
CA GLY B 28 -15.35 -5.22 10.51
C GLY B 28 -14.91 -6.00 11.73
N GLY B 29 -14.11 -7.04 11.56
CA GLY B 29 -13.53 -7.71 12.69
C GLY B 29 -14.44 -8.72 13.34
N GLY B 30 -14.22 -8.91 14.64
CA GLY B 30 -14.67 -10.10 15.34
C GLY B 30 -13.59 -11.14 15.27
N LEU B 31 -13.53 -11.97 16.31
CA LEU B 31 -12.53 -13.01 16.34
C LEU B 31 -12.83 -14.15 15.41
N SER B 32 -11.77 -14.69 14.83
CA SER B 32 -11.80 -15.89 14.02
C SER B 32 -10.93 -16.95 14.68
N SER B 33 -11.30 -18.20 14.50
CA SER B 33 -10.42 -19.31 14.80
C SER B 33 -9.48 -19.46 13.61
N VAL B 34 -8.20 -19.20 13.87
CA VAL B 34 -7.21 -19.17 12.83
C VAL B 34 -6.20 -20.26 13.10
N THR B 35 -5.97 -21.09 12.09
CA THR B 35 -5.08 -22.21 12.20
C THR B 35 -4.02 -22.18 11.12
N VAL B 36 -2.86 -22.71 11.47
CA VAL B 36 -1.85 -23.09 10.49
C VAL B 36 -1.83 -24.59 10.49
N SER B 37 -2.07 -25.18 9.32
CA SER B 37 -2.21 -26.61 9.25
C SER B 37 -1.67 -27.15 7.95
N LYS B 38 -1.60 -28.48 7.88
CA LYS B 38 -1.27 -29.14 6.61
C LYS B 38 -2.35 -28.95 5.54
N THR B 39 -1.94 -29.09 4.28
CA THR B 39 -2.83 -29.00 3.13
C THR B 39 -3.92 -30.07 3.14
N LEU B 40 -5.07 -29.73 2.56
CA LEU B 40 -6.14 -30.70 2.32
C LEU B 40 -5.91 -31.48 1.03
N GLN B 41 -5.05 -30.96 0.15
CA GLN B 41 -4.77 -31.57 -1.15
C GLN B 41 -3.27 -31.75 -1.38
N PRO B 42 -2.65 -32.71 -0.70
CA PRO B 42 -1.21 -32.94 -0.83
C PRO B 42 -0.82 -33.66 -2.12
N GLY B 43 -1.80 -34.17 -2.86
CA GLY B 43 -1.52 -35.01 -4.00
C GLY B 43 -0.78 -36.24 -3.51
N ASP B 44 0.32 -36.55 -4.18
CA ASP B 44 1.09 -37.74 -3.84
C ASP B 44 2.47 -37.41 -3.29
N SER B 45 2.65 -36.14 -2.93
CA SER B 45 3.87 -35.68 -2.28
C SER B 45 3.66 -35.61 -0.77
N GLY B 46 4.76 -35.45 -0.03
CA GLY B 46 4.76 -35.22 1.41
C GLY B 46 4.60 -33.78 1.83
N GLY B 47 3.87 -33.03 1.02
CA GLY B 47 3.41 -31.69 1.36
C GLY B 47 4.30 -30.54 0.93
N THR B 48 4.05 -29.90 -0.22
CA THR B 48 4.74 -28.64 -0.57
C THR B 48 3.96 -27.41 -0.14
N GLU B 49 2.74 -27.61 0.32
CA GLU B 49 1.88 -26.51 0.69
C GLU B 49 1.38 -26.69 2.08
N PHE B 50 1.06 -25.58 2.73
CA PHE B 50 0.30 -25.61 3.97
C PHE B 50 -0.79 -24.57 3.88
N LEU B 51 -1.61 -24.54 4.90
CA LEU B 51 -2.84 -23.77 4.90
C LEU B 51 -2.89 -22.86 6.12
N VAL B 52 -3.24 -21.60 5.89
CA VAL B 52 -3.65 -20.72 6.96
C VAL B 52 -5.14 -20.45 6.71
N HIS B 53 -5.94 -20.75 7.71
CA HIS B 53 -7.39 -20.76 7.57
C HIS B 53 -7.99 -20.04 8.75
N GLY B 54 -8.93 -19.14 8.49
CA GLY B 54 -9.59 -18.40 9.55
C GLY B 54 -11.08 -18.43 9.35
N GLU B 55 -11.81 -18.87 10.37
CA GLU B 55 -13.27 -18.90 10.34
C GLU B 55 -13.77 -17.99 11.44
N ARG B 56 -14.48 -16.94 11.05
CA ARG B 56 -14.99 -16.00 12.01
C ARG B 56 -16.08 -16.67 12.84
N LEU B 57 -15.98 -16.50 14.14
CA LEU B 57 -16.78 -17.28 15.07
C LEU B 57 -18.25 -16.90 15.08
N ARG B 58 -18.53 -15.60 15.12
CA ARG B 58 -19.89 -15.17 15.34
C ARG B 58 -20.82 -15.60 14.22
N ASP B 59 -20.33 -15.53 12.99
CA ASP B 59 -21.14 -15.89 11.83
C ASP B 59 -20.61 -17.07 11.06
N LYS B 60 -19.73 -17.83 11.68
CA LYS B 60 -19.25 -19.09 11.14
C LYS B 60 -18.90 -18.97 9.67
N THR B 61 -18.11 -17.96 9.37
CA THR B 61 -17.78 -17.60 8.01
C THR B 61 -16.29 -17.68 7.79
N VAL B 62 -15.87 -18.43 6.78
CA VAL B 62 -14.46 -18.50 6.44
C VAL B 62 -14.07 -17.18 5.80
N VAL B 63 -13.22 -16.44 6.48
CA VAL B 63 -12.78 -15.13 6.02
C VAL B 63 -11.30 -15.11 5.64
N LEU B 64 -10.58 -16.21 5.87
CA LEU B 64 -9.17 -16.27 5.55
C LEU B 64 -8.88 -17.68 5.08
N GLU B 65 -8.30 -17.80 3.89
CA GLU B 65 -7.93 -19.09 3.35
C GLU B 65 -6.75 -18.89 2.45
N CYS B 66 -5.58 -19.29 2.91
CA CYS B 66 -4.35 -19.06 2.18
C CYS B 66 -3.58 -20.34 2.04
N VAL B 67 -3.31 -20.73 0.80
CA VAL B 67 -2.40 -21.81 0.49
C VAL B 67 -1.03 -21.21 0.36
N LEU B 68 -0.14 -21.65 1.26
CA LEU B 68 1.17 -21.06 1.39
C LEU B 68 2.24 -22.12 1.18
N ARG B 69 3.43 -21.65 0.85
CA ARG B 69 4.52 -22.52 0.43
C ARG B 69 5.82 -22.10 1.10
N ARG B 70 6.91 -22.75 0.72
CA ARG B 70 8.15 -22.54 1.40
C ARG B 70 8.68 -21.13 1.20
N ASP B 71 8.19 -20.43 0.17
CA ASP B 71 8.62 -19.06 -0.08
C ASP B 71 8.02 -18.00 0.82
N LEU B 72 7.14 -18.40 1.74
CA LEU B 72 6.43 -17.41 2.53
C LEU B 72 7.39 -16.48 3.26
N VAL B 73 7.13 -15.18 3.15
CA VAL B 73 7.73 -14.17 3.99
C VAL B 73 6.65 -13.73 4.97
N TYR B 74 6.89 -14.01 6.23
CA TYR B 74 5.92 -13.78 7.29
C TYR B 74 6.41 -12.57 8.09
N ASN B 75 5.72 -11.46 7.92
CA ASN B 75 6.17 -10.19 8.46
C ASN B 75 5.63 -9.95 9.85
N LYS B 76 6.51 -9.66 10.78
CA LYS B 76 6.13 -9.39 12.15
C LYS B 76 6.38 -7.93 12.45
N VAL B 77 5.33 -7.17 12.61
CA VAL B 77 5.41 -5.72 12.73
C VAL B 77 5.38 -5.29 14.20
N THR B 78 4.44 -5.83 14.96
CA THR B 78 4.40 -5.62 16.39
C THR B 78 4.23 -6.96 17.06
N PRO B 79 4.29 -7.01 18.38
CA PRO B 79 4.08 -8.27 19.09
C PRO B 79 2.73 -8.91 18.84
N THR B 80 1.76 -8.14 18.35
CA THR B 80 0.43 -8.67 18.08
C THR B 80 -0.08 -8.41 16.67
N PHE B 81 0.78 -8.05 15.73
CA PHE B 81 0.36 -7.81 14.37
C PHE B 81 1.39 -8.36 13.40
N HIS B 82 0.96 -9.34 12.62
CA HIS B 82 1.78 -10.00 11.61
C HIS B 82 1.01 -9.98 10.30
N HIS B 83 1.71 -10.02 9.17
CA HIS B 83 1.05 -10.01 7.88
C HIS B 83 1.91 -10.66 6.82
N TRP B 84 1.29 -10.98 5.70
CA TRP B 84 1.96 -11.65 4.61
C TRP B 84 1.20 -11.35 3.32
N ARG B 85 1.70 -11.89 2.21
CA ARG B 85 1.10 -11.72 0.90
C ARG B 85 1.01 -13.03 0.15
N ILE B 86 0.09 -13.09 -0.80
CA ILE B 86 0.14 -14.03 -1.92
C ILE B 86 0.04 -13.16 -3.15
N GLY B 87 1.13 -13.08 -3.91
CA GLY B 87 1.21 -12.16 -5.02
C GLY B 87 0.97 -10.77 -4.47
N ASP B 88 0.00 -10.08 -5.03
CA ASP B 88 -0.31 -8.74 -4.57
C ASP B 88 -1.48 -8.69 -3.57
N LYS B 89 -2.01 -9.86 -3.19
CA LYS B 89 -3.02 -9.93 -2.14
C LYS B 89 -2.36 -9.95 -0.77
N LYS B 90 -2.91 -9.17 0.15
CA LYS B 90 -2.30 -8.99 1.47
C LYS B 90 -3.25 -9.44 2.57
N PHE B 91 -2.68 -10.09 3.57
CA PHE B 91 -3.43 -10.71 4.66
C PHE B 91 -2.71 -10.45 5.95
N GLY B 92 -3.43 -10.36 7.05
CA GLY B 92 -2.73 -10.25 8.31
C GLY B 92 -3.60 -10.66 9.47
N LEU B 93 -3.01 -10.57 10.66
CA LEU B 93 -3.65 -11.00 11.89
C LEU B 93 -3.31 -10.04 12.99
N THR B 94 -4.33 -9.64 13.75
CA THR B 94 -4.13 -9.04 15.07
C THR B 94 -4.42 -10.07 16.11
N PHE B 95 -3.42 -10.37 16.91
CA PHE B 95 -3.53 -11.38 17.94
C PHE B 95 -4.01 -10.77 19.24
N GLN B 96 -4.59 -11.60 20.09
CA GLN B 96 -5.07 -11.16 21.38
C GLN B 96 -3.96 -10.94 22.39
N SER B 97 -2.81 -11.54 22.18
CA SER B 97 -1.70 -11.41 23.10
C SER B 97 -0.41 -11.68 22.37
N PRO B 98 0.70 -11.18 22.89
CA PRO B 98 2.00 -11.55 22.34
C PRO B 98 2.25 -13.05 22.34
N ALA B 99 1.79 -13.76 23.37
CA ALA B 99 2.02 -15.20 23.40
C ALA B 99 1.30 -15.90 22.25
N ASP B 100 0.09 -15.47 21.91
CA ASP B 100 -0.62 -16.07 20.77
C ASP B 100 0.13 -15.82 19.48
N ALA B 101 0.63 -14.61 19.32
CA ALA B 101 1.40 -14.28 18.13
C ALA B 101 2.63 -15.15 18.03
N ARG B 102 3.32 -15.36 19.15
CA ARG B 102 4.49 -16.25 19.16
C ARG B 102 4.11 -17.67 18.78
N ALA B 103 2.99 -18.14 19.32
CA ALA B 103 2.55 -19.49 19.02
C ALA B 103 2.23 -19.64 17.54
N PHE B 104 1.61 -18.64 16.97
CA PHE B 104 1.25 -18.68 15.57
C PHE B 104 2.51 -18.61 14.70
N ASP B 105 3.44 -17.73 15.05
CA ASP B 105 4.69 -17.64 14.34
C ASP B 105 5.44 -18.97 14.37
N ARG B 106 5.46 -19.59 15.54
CA ARG B 106 6.05 -20.92 15.64
C ARG B 106 5.34 -21.90 14.72
N GLY B 107 4.01 -21.84 14.66
CA GLY B 107 3.26 -22.69 13.77
C GLY B 107 3.64 -22.52 12.32
N ILE B 108 3.81 -21.27 11.89
CA ILE B 108 4.26 -20.97 10.55
C ILE B 108 5.64 -21.57 10.32
N ARG B 109 6.55 -21.36 11.27
CA ARG B 109 7.91 -21.89 11.15
C ARG B 109 7.88 -23.41 11.04
N ARG B 110 7.07 -24.05 11.86
CA ARG B 110 6.95 -25.50 11.84
C ARG B 110 6.42 -25.98 10.51
N ALA B 111 5.37 -25.32 10.03
CA ALA B 111 4.79 -25.70 8.76
C ALA B 111 5.83 -25.64 7.65
N ILE B 112 6.58 -24.55 7.60
CA ILE B 112 7.58 -24.39 6.54
C ILE B 112 8.67 -25.43 6.69
N GLU B 113 9.10 -25.71 7.91
CA GLU B 113 10.25 -26.58 8.00
C GLU B 113 9.85 -28.06 7.76
N ASP B 114 8.56 -28.40 7.85
CA ASP B 114 8.14 -29.78 7.54
C ASP B 114 7.79 -29.95 6.07
N LEU B 115 7.71 -28.86 5.30
CA LEU B 115 7.39 -29.00 3.88
C LEU B 115 8.41 -29.86 3.18
N SER B 116 7.91 -30.71 2.30
CA SER B 116 8.72 -31.68 1.56
C SER B 116 8.93 -31.20 0.15
N GLN B 117 9.76 -31.93 -0.58
CA GLN B 117 9.84 -31.78 -2.02
C GLN B 117 8.50 -32.10 -2.66
N GLY B 118 8.25 -31.50 -3.82
CA GLY B 118 7.10 -31.84 -4.62
C GLY B 118 7.32 -33.10 -5.42
C1 GOL C . 7.59 -7.31 16.00
O1 GOL C . 7.39 -7.16 17.40
C2 GOL C . 8.74 -8.27 15.69
O2 GOL C . 8.51 -9.54 16.25
C3 GOL C . 10.05 -7.71 16.23
O3 GOL C . 10.43 -6.62 15.39
#